data_2UXH
#
_entry.id   2UXH
#
_cell.length_a   46.650
_cell.length_b   231.881
_cell.length_c   44.330
_cell.angle_alpha   90.00
_cell.angle_beta   90.00
_cell.angle_gamma   90.00
#
_symmetry.space_group_name_H-M   'P 21 21 2'
#
loop_
_entity.id
_entity.type
_entity.pdbx_description
1 polymer 'HTH-TYPE TRANSCRIPTIONAL REGULATOR TTGR'
2 non-polymer "3,5,7,3',4'-PENTAHYDROXYFLAVONE"
3 water water
#
_entity_poly.entity_id   1
_entity_poly.type   'polypeptide(L)'
_entity_poly.pdbx_seq_one_letter_code
;MVRRTKEEAQETRAQIIEAAERAFYKRGVARTTLADIAELAGVTRGAIYWHFNNKAELVQALLDSLHETHDHLARASESE
DEVDPLGCMRKLLLQVFNELVLDARTRRINEILHHKCEFTDDMCEIRQQRQSAVLDCHKGITLALANAVRRGQLPGELDA
ERAAVAMFAYVDGLIRRWLLLPDSVDLLGDVEKWVDTGLDMLRLSPALRK
;
_entity_poly.pdbx_strand_id   A,B
#
# COMPACT_ATOMS: atom_id res chain seq x y z
N THR A 5 -4.49 -42.26 0.12
CA THR A 5 -3.82 -41.64 1.24
C THR A 5 -3.34 -40.27 0.86
N LYS A 6 -2.20 -40.34 1.53
CA LYS A 6 -1.43 -39.14 1.71
C LYS A 6 -1.44 -38.42 0.40
N GLU A 7 -1.02 -39.11 -0.64
CA GLU A 7 -0.89 -38.47 -1.93
C GLU A 7 -2.16 -37.76 -2.28
N GLU A 8 -3.29 -38.35 -1.97
CA GLU A 8 -4.56 -37.80 -2.41
C GLU A 8 -5.07 -36.60 -1.59
N ALA A 9 -4.85 -36.64 -0.28
CA ALA A 9 -4.92 -35.43 0.52
C ALA A 9 -4.09 -34.29 0.02
N GLN A 10 -2.89 -34.56 -0.48
CA GLN A 10 -1.97 -33.45 -0.65
C GLN A 10 -2.02 -32.91 -2.06
N GLU A 11 -2.87 -33.54 -2.87
CA GLU A 11 -3.27 -33.08 -4.18
C GLU A 11 -4.51 -32.19 -4.15
N THR A 12 -5.45 -32.50 -3.26
CA THR A 12 -6.68 -31.69 -3.14
C THR A 12 -6.45 -30.45 -2.29
N ARG A 13 -5.46 -30.50 -1.39
CA ARG A 13 -5.03 -29.28 -0.71
C ARG A 13 -4.51 -28.28 -1.76
N ALA A 14 -3.69 -28.76 -2.70
CA ALA A 14 -3.22 -27.95 -3.83
C ALA A 14 -4.36 -27.45 -4.71
N GLN A 15 -5.36 -28.32 -4.93
CA GLN A 15 -6.57 -27.97 -5.69
C GLN A 15 -7.45 -26.94 -5.01
N ILE A 16 -7.53 -27.01 -3.68
CA ILE A 16 -8.31 -26.08 -2.88
C ILE A 16 -7.65 -24.70 -2.95
N ILE A 17 -6.40 -24.63 -2.48
CA ILE A 17 -5.58 -23.43 -2.58
C ILE A 17 -5.61 -22.78 -3.97
N GLU A 18 -5.62 -23.58 -5.03
CA GLU A 18 -5.68 -23.01 -6.37
C GLU A 18 -7.02 -22.41 -6.85
N ALA A 19 -8.12 -23.01 -6.43
CA ALA A 19 -9.45 -22.45 -6.64
C ALA A 19 -9.69 -21.23 -5.73
N ALA A 20 -8.96 -21.16 -4.62
CA ALA A 20 -9.07 -20.06 -3.66
C ALA A 20 -8.50 -18.77 -4.25
N GLU A 21 -7.28 -18.89 -4.78
CA GLU A 21 -6.66 -17.84 -5.57
C GLU A 21 -7.61 -17.30 -6.66
N ARG A 22 -8.16 -18.18 -7.49
CA ARG A 22 -9.08 -17.78 -8.58
C ARG A 22 -10.39 -17.14 -8.08
N ALA A 23 -10.93 -17.68 -6.99
CA ALA A 23 -12.17 -17.17 -6.42
C ALA A 23 -12.00 -15.84 -5.68
N PHE A 24 -10.96 -15.75 -4.83
CA PHE A 24 -10.65 -14.49 -4.16
C PHE A 24 -10.32 -13.45 -5.18
N TYR A 25 -9.64 -13.84 -6.26
CA TYR A 25 -9.29 -12.88 -7.32
C TYR A 25 -10.52 -12.32 -8.07
N LYS A 26 -11.50 -13.15 -8.40
CA LYS A 26 -12.65 -12.69 -9.17
C LYS A 26 -13.61 -11.89 -8.30
N ARG A 27 -13.83 -12.38 -7.08
CA ARG A 27 -14.91 -11.91 -6.21
C ARG A 27 -14.45 -11.25 -4.92
N GLY A 28 -13.15 -11.35 -4.63
CA GLY A 28 -12.53 -10.78 -3.45
C GLY A 28 -12.79 -11.64 -2.24
N VAL A 29 -11.96 -11.51 -1.20
CA VAL A 29 -12.06 -12.29 0.02
C VAL A 29 -13.37 -12.12 0.81
N ALA A 30 -13.87 -10.87 0.92
CA ALA A 30 -15.06 -10.58 1.75
C ALA A 30 -16.29 -11.45 1.50
N ARG A 31 -16.65 -11.60 0.22
CA ARG A 31 -17.88 -12.30 -0.21
C ARG A 31 -17.64 -13.67 -0.88
N THR A 32 -16.52 -14.28 -0.55
CA THR A 32 -16.22 -15.62 -0.99
C THR A 32 -16.14 -16.44 0.27
N THR A 33 -16.99 -17.45 0.38
CA THR A 33 -16.84 -18.34 1.52
C THR A 33 -16.25 -19.70 1.12
N LEU A 34 -15.97 -20.55 2.11
CA LEU A 34 -15.39 -21.89 1.84
C LEU A 34 -16.31 -22.80 1.03
N ALA A 35 -17.61 -22.63 1.21
CA ALA A 35 -18.60 -23.30 0.37
C ALA A 35 -18.30 -23.11 -1.11
N ASP A 36 -17.93 -21.89 -1.49
CA ASP A 36 -17.75 -21.56 -2.90
C ASP A 36 -16.41 -22.01 -3.45
N ILE A 37 -15.41 -22.05 -2.57
CA ILE A 37 -14.09 -22.53 -2.91
C ILE A 37 -14.16 -24.03 -3.15
N ALA A 38 -14.98 -24.72 -2.37
CA ALA A 38 -15.21 -26.17 -2.53
C ALA A 38 -15.68 -26.52 -3.94
N GLU A 39 -16.74 -25.87 -4.41
CA GLU A 39 -17.31 -26.17 -5.74
C GLU A 39 -16.36 -25.90 -6.90
N LEU A 40 -15.66 -24.76 -6.87
CA LEU A 40 -14.70 -24.45 -7.92
C LEU A 40 -13.59 -25.52 -7.99
N ALA A 41 -13.15 -25.97 -6.82
CA ALA A 41 -12.10 -26.99 -6.72
C ALA A 41 -12.60 -28.39 -7.12
N GLY A 42 -13.90 -28.61 -6.99
CA GLY A 42 -14.52 -29.89 -7.32
C GLY A 42 -14.54 -30.82 -6.12
N VAL A 43 -13.83 -30.43 -5.07
CA VAL A 43 -13.77 -31.23 -3.84
C VAL A 43 -15.10 -31.20 -3.11
N THR A 44 -15.13 -31.81 -1.93
CA THR A 44 -16.33 -31.81 -1.10
C THR A 44 -16.21 -30.65 -0.09
N ARG A 45 -17.28 -30.41 0.67
CA ARG A 45 -17.26 -29.42 1.77
C ARG A 45 -16.41 -29.85 2.97
N GLY A 46 -16.48 -31.13 3.34
CA GLY A 46 -15.68 -31.67 4.44
C GLY A 46 -14.20 -31.74 4.12
N ALA A 47 -13.90 -31.90 2.83
CA ALA A 47 -12.53 -31.75 2.34
C ALA A 47 -11.94 -30.43 2.85
N ILE A 48 -12.61 -29.31 2.57
CA ILE A 48 -12.10 -27.97 2.93
C ILE A 48 -11.93 -27.79 4.44
N TYR A 49 -12.89 -28.29 5.22
CA TYR A 49 -12.92 -28.07 6.67
C TYR A 49 -11.91 -28.90 7.45
N TRP A 50 -11.56 -30.06 6.90
CA TRP A 50 -10.43 -30.83 7.36
C TRP A 50 -9.14 -30.07 7.09
N HIS A 51 -9.01 -29.61 5.84
CA HIS A 51 -7.86 -28.86 5.38
C HIS A 51 -7.73 -27.49 6.07
N PHE A 52 -8.77 -26.67 5.94
CA PHE A 52 -8.75 -25.29 6.45
C PHE A 52 -9.95 -24.97 7.35
N ASN A 53 -9.67 -24.70 8.63
CA ASN A 53 -10.68 -24.33 9.64
C ASN A 53 -11.63 -23.23 9.19
N ASN A 54 -11.08 -22.21 8.55
CA ASN A 54 -11.83 -21.05 8.08
C ASN A 54 -10.98 -20.23 7.10
N LYS A 55 -11.58 -19.16 6.57
CA LYS A 55 -11.01 -18.31 5.51
C LYS A 55 -9.69 -17.65 5.85
N ALA A 56 -9.56 -17.19 7.10
CA ALA A 56 -8.32 -16.56 7.57
C ALA A 56 -7.11 -17.49 7.48
N GLU A 57 -7.37 -18.78 7.62
CA GLU A 57 -6.34 -19.81 7.63
C GLU A 57 -5.86 -20.07 6.21
N LEU A 58 -6.78 -19.93 5.26
CA LEU A 58 -6.52 -20.10 3.82
C LEU A 58 -5.79 -18.90 3.24
N VAL A 59 -6.26 -17.70 3.59
CA VAL A 59 -5.56 -16.45 3.25
C VAL A 59 -4.09 -16.51 3.67
N GLN A 60 -3.83 -17.00 4.87
CA GLN A 60 -2.47 -17.16 5.38
C GLN A 60 -1.65 -18.18 4.60
N ALA A 61 -2.31 -19.22 4.08
CA ALA A 61 -1.65 -20.23 3.23
C ALA A 61 -1.13 -19.65 1.89
N LEU A 62 -1.94 -18.80 1.26
CA LEU A 62 -1.54 -18.09 0.03
C LEU A 62 -0.36 -17.14 0.27
N LEU A 63 -0.49 -16.30 1.30
CA LEU A 63 0.57 -15.41 1.76
C LEU A 63 1.87 -16.17 2.08
N ASP A 64 1.73 -17.42 2.54
CA ASP A 64 2.90 -18.28 2.83
C ASP A 64 3.59 -18.84 1.58
N SER A 65 2.80 -19.17 0.57
CA SER A 65 3.32 -19.64 -0.72
C SER A 65 4.24 -18.61 -1.40
N LEU A 66 4.17 -17.35 -0.96
CA LEU A 66 5.01 -16.26 -1.46
C LEU A 66 6.46 -16.28 -0.95
N HIS A 67 6.68 -16.96 0.18
CA HIS A 67 7.99 -17.00 0.82
C HIS A 67 8.91 -17.99 0.16
N GLU A 68 8.35 -19.12 -0.29
CA GLU A 68 9.15 -20.24 -0.81
C GLU A 68 10.28 -19.80 -1.77
N THR A 69 9.92 -19.00 -2.76
CA THR A 69 10.79 -18.61 -3.87
C THR A 69 11.97 -17.72 -3.44
N HIS A 70 11.78 -17.00 -2.32
CA HIS A 70 12.75 -16.03 -1.83
C HIS A 70 13.51 -16.50 -0.59
N ASP A 71 13.18 -17.71 -0.13
CA ASP A 71 13.67 -18.24 1.12
C ASP A 71 15.18 -18.09 1.32
N HIS A 72 15.95 -18.84 0.53
CA HIS A 72 17.40 -18.97 0.66
C HIS A 72 18.16 -17.67 0.78
N LEU A 73 17.89 -16.74 -0.14
CA LEU A 73 18.55 -15.44 -0.20
C LEU A 73 18.28 -14.58 1.02
N ALA A 74 17.13 -14.80 1.66
CA ALA A 74 16.70 -14.02 2.83
C ALA A 74 17.39 -14.46 4.11
N ARG A 75 17.51 -15.76 4.33
CA ARG A 75 18.23 -16.27 5.51
C ARG A 75 19.74 -16.02 5.41
N ALA A 76 20.27 -15.99 4.18
CA ALA A 76 21.68 -15.67 3.93
C ALA A 76 21.95 -14.18 4.17
N SER A 77 21.11 -13.34 3.59
CA SER A 77 21.07 -11.90 3.88
C SER A 77 21.08 -11.58 5.37
N GLU A 78 20.57 -12.51 6.17
CA GLU A 78 20.30 -12.25 7.57
C GLU A 78 21.32 -12.86 8.52
N SER A 79 22.04 -13.89 8.08
CA SER A 79 23.10 -14.48 8.90
C SER A 79 24.28 -13.54 9.00
N GLU A 80 24.77 -13.38 10.23
CA GLU A 80 25.88 -12.49 10.51
C GLU A 80 27.25 -13.07 10.06
N ASP A 81 27.24 -14.31 9.58
CA ASP A 81 28.44 -14.92 8.99
C ASP A 81 28.70 -14.44 7.56
N GLU A 82 27.65 -14.46 6.74
CA GLU A 82 27.64 -13.93 5.37
C GLU A 82 28.34 -12.57 5.27
N VAL A 83 29.21 -12.43 4.28
CA VAL A 83 30.04 -11.22 4.14
C VAL A 83 29.52 -10.12 3.19
N ASP A 84 28.51 -10.45 2.38
CA ASP A 84 27.87 -9.45 1.48
C ASP A 84 26.33 -9.44 1.66
N PRO A 85 25.86 -9.14 2.88
CA PRO A 85 24.42 -9.12 3.15
C PRO A 85 23.58 -8.09 2.36
N LEU A 86 24.16 -6.94 2.00
CA LEU A 86 23.42 -5.93 1.23
C LEU A 86 23.24 -6.39 -0.23
N GLY A 87 24.22 -7.13 -0.73
CA GLY A 87 24.12 -7.78 -2.04
C GLY A 87 23.14 -8.95 -2.06
N CYS A 88 22.97 -9.61 -0.92
CA CYS A 88 21.96 -10.64 -0.78
C CYS A 88 20.55 -10.04 -0.71
N MET A 89 20.43 -8.90 -0.02
CA MET A 89 19.18 -8.14 0.07
C MET A 89 18.82 -7.50 -1.26
N ARG A 90 19.84 -7.04 -1.99
CA ARG A 90 19.65 -6.49 -3.33
C ARG A 90 19.11 -7.56 -4.27
N LYS A 91 19.71 -8.75 -4.21
CA LYS A 91 19.36 -9.82 -5.13
C LYS A 91 17.99 -10.42 -4.82
N LEU A 92 17.64 -10.46 -3.55
CA LEU A 92 16.26 -10.75 -3.13
C LEU A 92 15.25 -9.81 -3.78
N LEU A 93 15.51 -8.52 -3.71
CA LEU A 93 14.55 -7.53 -4.21
C LEU A 93 14.37 -7.61 -5.71
N LEU A 94 15.45 -7.90 -6.41
CA LEU A 94 15.45 -8.21 -7.84
C LEU A 94 14.61 -9.43 -8.18
N GLN A 95 14.72 -10.48 -7.36
CA GLN A 95 13.92 -11.70 -7.56
C GLN A 95 12.45 -11.50 -7.20
N VAL A 96 12.20 -10.67 -6.19
CA VAL A 96 10.84 -10.33 -5.78
C VAL A 96 10.13 -9.57 -6.91
N PHE A 97 10.84 -8.62 -7.52
CA PHE A 97 10.24 -7.84 -8.57
C PHE A 97 10.08 -8.62 -9.87
N ASN A 98 11.07 -9.46 -10.18
CA ASN A 98 11.04 -10.27 -11.41
C ASN A 98 9.91 -11.28 -11.38
N GLU A 99 9.81 -12.01 -10.27
CA GLU A 99 8.76 -12.98 -10.05
C GLU A 99 7.36 -12.38 -10.14
N LEU A 100 7.25 -11.15 -9.67
CA LEU A 100 6.02 -10.39 -9.67
C LEU A 100 5.57 -10.15 -11.11
N VAL A 101 6.49 -9.79 -11.98
CA VAL A 101 6.17 -9.47 -13.37
C VAL A 101 6.01 -10.70 -14.26
N LEU A 102 6.81 -11.74 -13.99
CA LEU A 102 6.83 -12.99 -14.76
C LEU A 102 5.82 -14.05 -14.31
N ASP A 103 5.63 -14.20 -12.99
CA ASP A 103 4.76 -15.21 -12.39
C ASP A 103 3.35 -14.68 -12.15
N ALA A 104 2.42 -15.08 -12.99
CA ALA A 104 1.04 -14.61 -12.86
C ALA A 104 0.40 -15.01 -11.52
N ARG A 105 0.83 -16.14 -10.96
CA ARG A 105 0.33 -16.64 -9.70
C ARG A 105 0.68 -15.63 -8.61
N THR A 106 1.97 -15.30 -8.53
CA THR A 106 2.51 -14.35 -7.57
C THR A 106 1.84 -12.96 -7.66
N ARG A 107 1.67 -12.47 -8.88
CA ARG A 107 0.96 -11.23 -9.13
C ARG A 107 -0.49 -11.31 -8.68
N ARG A 108 -1.16 -12.42 -8.94
CA ARG A 108 -2.57 -12.61 -8.56
C ARG A 108 -2.79 -12.64 -7.03
N ILE A 109 -1.96 -13.41 -6.31
CA ILE A 109 -1.92 -13.43 -4.85
C ILE A 109 -1.64 -12.04 -4.25
N ASN A 110 -0.66 -11.33 -4.78
CA ASN A 110 -0.38 -10.00 -4.29
C ASN A 110 -1.54 -9.06 -4.54
N GLU A 111 -2.25 -9.23 -5.66
CA GLU A 111 -3.38 -8.36 -5.92
C GLU A 111 -4.57 -8.68 -4.99
N ILE A 112 -4.68 -9.94 -4.56
CA ILE A 112 -5.66 -10.33 -3.55
C ILE A 112 -5.27 -9.73 -2.22
N LEU A 113 -4.05 -9.98 -1.78
CA LEU A 113 -3.56 -9.33 -0.58
C LEU A 113 -3.73 -7.79 -0.55
N HIS A 114 -3.36 -7.12 -1.65
CA HIS A 114 -3.43 -5.66 -1.75
C HIS A 114 -4.79 -5.05 -2.10
N HIS A 115 -5.54 -5.64 -3.04
CA HIS A 115 -6.68 -4.91 -3.56
C HIS A 115 -7.98 -5.66 -3.47
N LYS A 116 -7.97 -6.83 -2.81
CA LYS A 116 -9.21 -7.60 -2.66
C LYS A 116 -9.37 -8.27 -1.32
N CYS A 117 -8.81 -7.69 -0.27
CA CYS A 117 -8.88 -8.31 1.04
C CYS A 117 -9.10 -7.27 2.11
N GLU A 118 -10.34 -7.13 2.55
CA GLU A 118 -10.73 -6.14 3.56
C GLU A 118 -10.37 -6.56 4.98
N PHE A 119 -10.04 -5.58 5.81
CA PHE A 119 -9.93 -5.78 7.25
C PHE A 119 -11.23 -5.39 7.91
N THR A 120 -12.02 -6.36 8.36
CA THR A 120 -13.23 -6.05 9.13
C THR A 120 -13.23 -6.74 10.51
N ASP A 121 -13.89 -6.12 11.49
CA ASP A 121 -14.14 -6.77 12.79
C ASP A 121 -14.73 -8.17 12.65
N ASP A 122 -15.41 -8.40 11.53
CA ASP A 122 -16.03 -9.70 11.24
C ASP A 122 -14.98 -10.82 11.26
N MET A 123 -13.91 -10.68 10.47
CA MET A 123 -12.74 -11.57 10.57
C MET A 123 -11.45 -10.82 10.94
N CYS A 124 -11.27 -10.55 12.24
CA CYS A 124 -10.07 -9.84 12.75
C CYS A 124 -8.74 -10.58 12.50
N GLU A 125 -8.84 -11.85 12.10
CA GLU A 125 -7.65 -12.69 11.98
C GLU A 125 -6.83 -12.29 10.78
N ILE A 126 -7.51 -11.80 9.75
CA ILE A 126 -6.86 -11.32 8.54
C ILE A 126 -5.93 -10.15 8.83
N ARG A 127 -6.43 -9.16 9.57
CA ARG A 127 -5.62 -8.04 10.04
C ARG A 127 -4.46 -8.44 10.93
N GLN A 128 -4.77 -9.17 12.02
CA GLN A 128 -3.80 -9.77 12.93
C GLN A 128 -2.66 -10.44 12.16
N GLN A 129 -3.02 -11.38 11.29
CA GLN A 129 -2.11 -12.11 10.39
C GLN A 129 -1.13 -11.19 9.72
N ARG A 130 -1.70 -10.21 9.02
CA ARG A 130 -0.97 -9.20 8.29
C ARG A 130 -0.01 -8.39 9.15
N GLN A 131 -0.45 -7.98 10.34
CA GLN A 131 0.43 -7.29 11.27
C GLN A 131 1.64 -8.18 11.62
N SER A 132 1.42 -9.49 11.83
CA SER A 132 2.52 -10.44 12.10
C SER A 132 3.53 -10.51 10.97
N ALA A 133 3.03 -10.78 9.76
CA ALA A 133 3.87 -10.85 8.58
C ALA A 133 4.73 -9.60 8.37
N VAL A 134 4.18 -8.41 8.62
CA VAL A 134 4.92 -7.17 8.40
C VAL A 134 5.92 -7.00 9.53
N LEU A 135 5.53 -7.39 10.74
CA LEU A 135 6.50 -7.53 11.81
C LEU A 135 7.60 -8.57 11.47
N ASP A 136 7.23 -9.76 10.97
CA ASP A 136 8.26 -10.78 10.57
C ASP A 136 9.21 -10.14 9.58
N CYS A 137 8.66 -9.69 8.46
CA CYS A 137 9.42 -9.01 7.42
C CYS A 137 10.25 -7.86 7.98
N HIS A 138 9.72 -7.13 8.95
CA HIS A 138 10.48 -6.07 9.62
C HIS A 138 11.69 -6.61 10.38
N LYS A 139 11.48 -7.69 11.14
CA LYS A 139 12.52 -8.29 11.96
C LYS A 139 13.71 -8.69 11.09
N GLY A 140 13.42 -9.26 9.91
CA GLY A 140 14.46 -9.67 8.97
C GLY A 140 15.27 -8.54 8.34
N ILE A 141 14.60 -7.60 7.70
CA ILE A 141 15.28 -6.46 7.07
C ILE A 141 16.18 -5.77 8.09
N THR A 142 15.71 -5.63 9.32
CA THR A 142 16.48 -4.96 10.38
C THR A 142 17.81 -5.69 10.60
N LEU A 143 17.75 -6.97 10.99
CA LEU A 143 18.95 -7.80 11.18
C LEU A 143 19.91 -7.73 9.99
N ALA A 144 19.36 -7.86 8.79
CA ALA A 144 20.13 -7.77 7.55
C ALA A 144 20.80 -6.40 7.41
N LEU A 145 20.08 -5.35 7.76
CA LEU A 145 20.61 -4.00 7.68
C LEU A 145 21.72 -3.78 8.70
N ALA A 146 21.51 -4.25 9.93
CA ALA A 146 22.54 -4.24 10.98
C ALA A 146 23.81 -4.92 10.49
N ASN A 147 23.66 -6.10 9.89
CA ASN A 147 24.76 -6.83 9.24
C ASN A 147 25.53 -6.02 8.21
N ALA A 148 24.81 -5.18 7.45
CA ALA A 148 25.45 -4.32 6.46
C ALA A 148 26.18 -3.13 7.11
N VAL A 149 25.79 -2.79 8.35
CA VAL A 149 26.43 -1.68 9.06
C VAL A 149 27.78 -2.13 9.61
N ARG A 150 27.80 -3.33 10.21
CA ARG A 150 29.03 -3.95 10.70
C ARG A 150 30.00 -4.17 9.56
N ARG A 151 29.48 -4.74 8.47
CA ARG A 151 30.24 -5.01 7.26
C ARG A 151 30.58 -3.71 6.51
N GLY A 152 30.29 -2.56 7.13
CA GLY A 152 30.62 -1.26 6.57
C GLY A 152 30.04 -0.97 5.19
N GLN A 153 29.03 -1.75 4.80
CA GLN A 153 28.28 -1.59 3.54
C GLN A 153 27.37 -0.37 3.51
N LEU A 154 26.78 -0.03 4.67
CA LEU A 154 25.93 1.16 4.85
C LEU A 154 26.48 1.97 6.01
N PRO A 155 26.27 3.32 5.99
CA PRO A 155 26.76 4.21 7.03
C PRO A 155 26.74 3.58 8.43
N GLY A 156 27.84 3.73 9.15
CA GLY A 156 28.09 2.99 10.39
C GLY A 156 27.22 3.35 11.57
N GLU A 157 26.53 4.48 11.46
CA GLU A 157 25.71 5.01 12.54
C GLU A 157 24.21 4.83 12.29
N LEU A 158 23.88 4.15 11.19
CA LEU A 158 22.52 4.05 10.66
C LEU A 158 21.51 3.58 11.68
N ASP A 159 20.32 4.20 11.69
CA ASP A 159 19.22 3.63 12.44
C ASP A 159 18.71 2.46 11.64
N ALA A 160 19.00 1.26 12.10
CA ALA A 160 18.58 0.05 11.41
C ALA A 160 17.07 -0.03 11.38
N GLU A 161 16.45 0.31 12.51
CA GLU A 161 15.00 0.25 12.64
C GLU A 161 14.29 1.18 11.64
N ARG A 162 14.57 2.48 11.70
CA ARG A 162 13.92 3.44 10.80
C ARG A 162 14.24 3.23 9.32
N ALA A 163 15.45 2.76 9.02
CA ALA A 163 15.81 2.34 7.68
C ALA A 163 14.98 1.15 7.18
N ALA A 164 14.69 0.19 8.05
CA ALA A 164 13.92 -0.98 7.64
C ALA A 164 12.48 -0.59 7.27
N VAL A 165 11.93 0.37 8.02
CA VAL A 165 10.61 0.89 7.78
C VAL A 165 10.57 1.67 6.48
N ALA A 166 11.54 2.57 6.25
CA ALA A 166 11.58 3.39 5.03
C ALA A 166 11.56 2.51 3.82
N MET A 167 12.43 1.51 3.86
CA MET A 167 12.64 0.56 2.80
C MET A 167 11.44 -0.33 2.57
N PHE A 168 10.94 -1.00 3.62
CA PHE A 168 9.68 -1.74 3.46
C PHE A 168 8.60 -0.84 2.87
N ALA A 169 8.49 0.37 3.36
CA ALA A 169 7.45 1.29 2.88
C ALA A 169 7.58 1.58 1.37
N TYR A 170 8.79 1.94 0.94
CA TYR A 170 9.11 2.13 -0.47
C TYR A 170 8.83 0.92 -1.40
N VAL A 171 9.32 -0.27 -1.04
CA VAL A 171 9.05 -1.49 -1.82
C VAL A 171 7.56 -1.86 -1.90
N ASP A 172 6.87 -1.87 -0.75
CA ASP A 172 5.43 -2.03 -0.70
C ASP A 172 4.58 -1.02 -1.57
N GLY A 173 4.89 0.28 -1.51
CA GLY A 173 4.18 1.29 -2.30
C GLY A 173 4.41 1.11 -3.78
N LEU A 174 5.61 0.68 -4.13
CA LEU A 174 5.98 0.45 -5.51
C LEU A 174 5.27 -0.75 -6.12
N ILE A 175 5.30 -1.89 -5.44
CA ILE A 175 4.51 -3.07 -5.80
C ILE A 175 3.03 -2.71 -6.00
N ARG A 176 2.44 -2.04 -5.00
CA ARG A 176 1.04 -1.57 -5.08
C ARG A 176 0.74 -0.65 -6.26
N ARG A 177 1.63 0.31 -6.53
CA ARG A 177 1.53 1.26 -7.64
C ARG A 177 1.42 0.49 -8.97
N TRP A 178 2.31 -0.48 -9.16
CA TRP A 178 2.38 -1.26 -10.39
C TRP A 178 1.21 -2.25 -10.48
N LEU A 179 0.84 -2.87 -9.36
CA LEU A 179 -0.41 -3.61 -9.34
C LEU A 179 -1.60 -2.74 -9.82
N LEU A 180 -1.57 -1.45 -9.49
CA LEU A 180 -2.64 -0.53 -9.86
C LEU A 180 -2.48 -0.01 -11.28
N LEU A 181 -1.30 0.51 -11.61
CA LEU A 181 -1.04 1.12 -12.90
C LEU A 181 0.19 0.50 -13.56
N PRO A 182 0.05 -0.72 -14.10
CA PRO A 182 1.20 -1.50 -14.53
C PRO A 182 1.88 -0.86 -15.72
N ASP A 183 1.08 -0.57 -16.75
CA ASP A 183 1.58 0.01 -18.00
C ASP A 183 2.15 1.41 -17.81
N SER A 184 2.30 1.83 -16.56
CA SER A 184 2.98 3.08 -16.28
C SER A 184 4.44 2.76 -16.02
N VAL A 185 4.69 1.99 -14.98
CA VAL A 185 6.03 1.69 -14.51
C VAL A 185 6.56 0.34 -14.98
N ASP A 186 7.56 0.39 -15.86
CA ASP A 186 8.20 -0.81 -16.39
C ASP A 186 9.06 -1.42 -15.30
N LEU A 187 8.47 -2.35 -14.57
CA LEU A 187 9.18 -2.93 -13.46
C LEU A 187 10.22 -3.96 -13.92
N LEU A 188 10.03 -4.51 -15.12
CA LEU A 188 10.91 -5.59 -15.62
C LEU A 188 12.12 -5.13 -16.45
N GLY A 189 12.10 -3.88 -16.91
CA GLY A 189 13.21 -3.34 -17.69
C GLY A 189 14.16 -2.52 -16.83
N ASP A 190 13.57 -1.68 -15.96
CA ASP A 190 14.35 -0.79 -15.09
C ASP A 190 14.55 -1.37 -13.71
N VAL A 191 14.21 -2.65 -13.57
CA VAL A 191 14.10 -3.33 -12.29
C VAL A 191 15.27 -3.05 -11.35
N GLU A 192 16.43 -2.87 -11.97
CA GLU A 192 17.69 -2.51 -11.30
C GLU A 192 17.64 -1.09 -10.71
N LYS A 193 17.04 -0.15 -11.45
CA LYS A 193 16.88 1.24 -11.00
C LYS A 193 15.91 1.40 -9.82
N TRP A 194 14.90 0.53 -9.79
CA TRP A 194 13.90 0.59 -8.74
C TRP A 194 14.44 0.05 -7.43
N VAL A 195 15.17 -1.06 -7.49
CA VAL A 195 15.73 -1.67 -6.30
C VAL A 195 16.77 -0.72 -5.73
N ASP A 196 17.59 -0.14 -6.63
CA ASP A 196 18.74 0.70 -6.28
C ASP A 196 18.35 2.04 -5.71
N THR A 197 17.31 2.67 -6.26
CA THR A 197 16.75 3.92 -5.73
C THR A 197 16.42 3.82 -4.26
N GLY A 198 15.86 2.67 -3.90
CA GLY A 198 15.42 2.44 -2.54
C GLY A 198 16.64 2.27 -1.68
N LEU A 199 17.55 1.39 -2.12
CA LEU A 199 18.82 1.10 -1.40
C LEU A 199 19.69 2.34 -1.20
N ASP A 200 19.76 3.20 -2.23
CA ASP A 200 20.40 4.54 -2.11
C ASP A 200 19.87 5.35 -0.93
N MET A 201 18.55 5.36 -0.75
CA MET A 201 17.92 6.09 0.36
C MET A 201 18.52 5.65 1.69
N LEU A 202 18.86 4.35 1.80
CA LEU A 202 19.40 3.79 3.04
C LEU A 202 20.86 4.18 3.29
N ARG A 203 21.65 4.30 2.24
CA ARG A 203 23.05 4.69 2.41
C ARG A 203 23.30 6.19 2.42
N LEU A 204 22.40 6.98 1.85
CA LEU A 204 22.65 8.41 1.72
C LEU A 204 21.85 9.33 2.62
N SER A 205 20.66 8.90 3.02
CA SER A 205 19.77 9.74 3.80
C SER A 205 20.33 10.09 5.18
N PRO A 206 20.56 11.40 5.44
CA PRO A 206 21.02 11.86 6.74
C PRO A 206 19.92 11.67 7.78
N ALA A 207 18.68 11.84 7.33
CA ALA A 207 17.48 11.62 8.15
C ALA A 207 17.39 10.22 8.75
N LEU A 208 18.00 9.21 8.10
CA LEU A 208 18.03 7.83 8.61
C LEU A 208 19.19 7.48 9.54
N ARG A 209 20.05 8.47 9.84
CA ARG A 209 21.25 8.25 10.64
C ARG A 209 21.10 8.55 12.14
N LYS A 210 21.94 7.89 12.94
CA LYS A 210 22.08 8.11 14.39
C LYS A 210 21.38 7.04 15.25
N LYS B 6 -30.23 23.32 3.52
CA LYS B 6 -31.50 23.79 2.95
C LYS B 6 -31.53 23.76 1.43
N GLU B 7 -32.46 23.00 0.88
CA GLU B 7 -33.83 23.44 0.76
C GLU B 7 -34.64 22.51 1.61
N GLU B 8 -34.98 21.38 1.02
CA GLU B 8 -34.73 20.06 1.60
C GLU B 8 -33.19 20.05 1.72
N ALA B 9 -32.60 19.09 2.41
CA ALA B 9 -31.26 19.34 2.90
C ALA B 9 -30.05 19.23 1.97
N GLN B 10 -29.60 20.37 1.47
CA GLN B 10 -28.18 20.65 1.39
C GLN B 10 -27.41 19.66 2.22
N GLU B 11 -27.46 19.77 3.52
CA GLU B 11 -26.64 18.92 4.35
C GLU B 11 -27.29 17.63 4.82
N THR B 12 -28.18 17.07 4.01
CA THR B 12 -28.48 15.64 4.00
C THR B 12 -27.26 14.96 3.36
N ARG B 13 -26.68 15.62 2.35
CA ARG B 13 -25.52 15.10 1.66
C ARG B 13 -24.42 14.78 2.67
N ALA B 14 -24.11 15.77 3.51
CA ALA B 14 -23.07 15.62 4.52
C ALA B 14 -23.42 14.53 5.53
N GLN B 15 -24.69 14.45 5.91
CA GLN B 15 -25.16 13.40 6.81
C GLN B 15 -25.12 12.01 6.18
N ILE B 16 -25.27 11.92 4.87
CA ILE B 16 -25.19 10.63 4.20
C ILE B 16 -23.73 10.18 4.11
N ILE B 17 -22.85 11.10 3.75
CA ILE B 17 -21.42 10.86 3.77
C ILE B 17 -20.86 10.38 5.13
N GLU B 18 -21.34 10.92 6.24
CA GLU B 18 -20.85 10.52 7.56
C GLU B 18 -21.34 9.13 7.93
N ALA B 19 -22.53 8.78 7.46
CA ALA B 19 -23.09 7.45 7.63
C ALA B 19 -22.41 6.43 6.70
N ALA B 20 -22.07 6.88 5.48
CA ALA B 20 -21.28 6.05 4.58
C ALA B 20 -19.94 5.67 5.15
N GLU B 21 -19.21 6.61 5.76
CA GLU B 21 -17.93 6.34 6.45
C GLU B 21 -18.04 5.38 7.61
N ARG B 22 -19.12 5.47 8.37
CA ARG B 22 -19.38 4.55 9.48
C ARG B 22 -19.72 3.15 8.98
N ALA B 23 -20.60 3.07 7.98
CA ALA B 23 -20.99 1.81 7.38
C ALA B 23 -19.78 1.14 6.79
N PHE B 24 -19.05 1.88 5.94
CA PHE B 24 -17.85 1.38 5.27
C PHE B 24 -16.76 1.03 6.26
N TYR B 25 -16.57 1.82 7.31
CA TYR B 25 -15.54 1.45 8.27
C TYR B 25 -15.87 0.17 9.03
N LYS B 26 -17.15 0.00 9.42
CA LYS B 26 -17.58 -1.13 10.21
C LYS B 26 -17.50 -2.43 9.41
N ARG B 27 -18.19 -2.46 8.28
CA ARG B 27 -18.33 -3.70 7.56
C ARG B 27 -17.66 -3.74 6.16
N GLY B 28 -17.04 -2.63 5.79
CA GLY B 28 -16.28 -2.59 4.56
C GLY B 28 -17.15 -2.25 3.39
N VAL B 29 -16.55 -1.80 2.30
CA VAL B 29 -17.32 -1.36 1.14
C VAL B 29 -18.09 -2.45 0.39
N ALA B 30 -17.47 -3.61 0.18
CA ALA B 30 -18.07 -4.72 -0.58
C ALA B 30 -19.45 -5.20 -0.11
N ARG B 31 -19.69 -5.24 1.20
CA ARG B 31 -20.95 -5.77 1.77
C ARG B 31 -21.84 -4.70 2.38
N THR B 32 -21.48 -3.43 2.19
CA THR B 32 -22.35 -2.34 2.54
C THR B 32 -23.28 -2.04 1.37
N THR B 33 -24.57 -1.94 1.64
CA THR B 33 -25.56 -1.51 0.67
C THR B 33 -26.00 -0.09 1.02
N LEU B 34 -26.71 0.55 0.09
CA LEU B 34 -27.30 1.86 0.33
C LEU B 34 -28.35 1.82 1.44
N ALA B 35 -29.08 0.71 1.51
CA ALA B 35 -30.00 0.43 2.61
C ALA B 35 -29.34 0.50 4.00
N ASP B 36 -28.13 -0.02 4.15
CA ASP B 36 -27.39 0.08 5.42
C ASP B 36 -27.14 1.53 5.76
N ILE B 37 -26.63 2.24 4.75
CA ILE B 37 -26.21 3.63 4.82
C ILE B 37 -27.41 4.55 5.11
N ALA B 38 -28.51 4.33 4.38
CA ALA B 38 -29.77 5.05 4.61
C ALA B 38 -30.38 4.80 5.99
N GLU B 39 -30.43 3.54 6.43
CA GLU B 39 -30.82 3.22 7.81
C GLU B 39 -29.94 3.94 8.81
N LEU B 40 -28.63 3.97 8.53
CA LEU B 40 -27.66 4.62 9.40
C LEU B 40 -27.78 6.15 9.39
N ALA B 41 -28.17 6.70 8.25
CA ALA B 41 -28.39 8.14 8.07
C ALA B 41 -29.75 8.66 8.52
N GLY B 42 -30.70 7.75 8.77
CA GLY B 42 -32.06 8.11 9.18
C GLY B 42 -32.92 8.64 8.04
N VAL B 43 -32.57 8.29 6.81
CA VAL B 43 -33.32 8.74 5.61
C VAL B 43 -33.71 7.54 4.74
N THR B 44 -34.36 7.80 3.61
CA THR B 44 -34.78 6.74 2.70
C THR B 44 -33.72 6.56 1.63
N ARG B 45 -33.75 5.43 0.90
CA ARG B 45 -32.84 5.27 -0.23
C ARG B 45 -33.04 6.33 -1.32
N GLY B 46 -34.28 6.83 -1.45
CA GLY B 46 -34.61 7.89 -2.39
C GLY B 46 -33.82 9.16 -2.13
N ALA B 47 -33.64 9.48 -0.84
CA ALA B 47 -32.83 10.63 -0.44
C ALA B 47 -31.36 10.45 -0.78
N ILE B 48 -30.93 9.19 -0.91
CA ILE B 48 -29.54 8.93 -1.28
C ILE B 48 -29.37 9.08 -2.78
N TYR B 49 -30.29 8.50 -3.55
CA TYR B 49 -30.19 8.55 -5.00
C TYR B 49 -30.28 9.97 -5.49
N TRP B 50 -30.90 10.83 -4.67
CA TRP B 50 -30.92 12.27 -4.94
C TRP B 50 -29.52 12.90 -4.96
N HIS B 51 -28.64 12.46 -4.07
CA HIS B 51 -27.29 13.00 -4.03
C HIS B 51 -26.26 12.14 -4.80
N PHE B 52 -26.55 10.84 -4.93
CA PHE B 52 -25.59 9.86 -5.42
C PHE B 52 -26.29 8.79 -6.21
N ASN B 53 -25.74 8.44 -7.38
CA ASN B 53 -26.33 7.38 -8.21
C ASN B 53 -26.06 5.97 -7.75
N ASN B 54 -25.03 5.80 -6.93
CA ASN B 54 -24.56 4.49 -6.51
C ASN B 54 -23.49 4.62 -5.45
N LYS B 55 -23.01 3.46 -5.01
CA LYS B 55 -22.03 3.33 -3.92
C LYS B 55 -20.68 3.86 -4.32
N ALA B 56 -20.32 3.66 -5.59
CA ALA B 56 -19.03 4.09 -6.09
C ALA B 56 -18.90 5.61 -5.97
N GLU B 57 -20.00 6.33 -6.20
CA GLU B 57 -20.05 7.79 -6.01
C GLU B 57 -19.75 8.23 -4.58
N LEU B 58 -20.25 7.48 -3.61
CA LEU B 58 -19.98 7.74 -2.18
C LEU B 58 -18.51 7.57 -1.85
N VAL B 59 -17.93 6.52 -2.42
CA VAL B 59 -16.52 6.20 -2.26
C VAL B 59 -15.64 7.32 -2.88
N GLN B 60 -16.10 7.85 -3.99
CA GLN B 60 -15.49 8.97 -4.68
C GLN B 60 -15.51 10.23 -3.81
N ALA B 61 -16.65 10.46 -3.15
CA ALA B 61 -16.87 11.64 -2.31
C ALA B 61 -16.00 11.62 -1.06
N LEU B 62 -15.79 10.42 -0.50
CA LEU B 62 -14.85 10.24 0.59
C LEU B 62 -13.44 10.56 0.12
N LEU B 63 -13.05 9.99 -1.01
CA LEU B 63 -11.75 10.26 -1.60
C LEU B 63 -11.51 11.77 -1.80
N ASP B 64 -12.44 12.42 -2.51
CA ASP B 64 -12.32 13.84 -2.86
C ASP B 64 -12.21 14.74 -1.62
N SER B 65 -12.81 14.29 -0.52
CA SER B 65 -12.77 15.01 0.75
C SER B 65 -11.38 15.06 1.40
N LEU B 66 -10.43 14.28 0.92
CA LEU B 66 -9.05 14.32 1.45
C LEU B 66 -8.23 15.49 0.89
N HIS B 67 -8.57 15.94 -0.32
CA HIS B 67 -7.80 16.97 -1.04
C HIS B 67 -8.06 18.40 -0.57
N GLU B 68 -9.10 18.57 0.25
CA GLU B 68 -9.57 19.89 0.67
C GLU B 68 -8.57 20.66 1.55
N THR B 69 -8.01 19.98 2.55
CA THR B 69 -7.15 20.60 3.57
C THR B 69 -5.81 21.03 2.96
N HIS B 70 -5.35 20.26 1.98
CA HIS B 70 -4.01 20.35 1.43
C HIS B 70 -3.92 21.16 0.14
N ASP B 71 -5.06 21.54 -0.43
CA ASP B 71 -5.08 22.04 -1.81
C ASP B 71 -4.30 23.33 -2.01
N HIS B 72 -4.12 24.08 -0.93
CA HIS B 72 -3.41 25.35 -0.98
C HIS B 72 -1.92 25.15 -1.18
N LEU B 73 -1.30 24.37 -0.28
CA LEU B 73 0.13 24.06 -0.40
C LEU B 73 0.42 23.26 -1.68
N ALA B 74 -0.55 22.44 -2.11
CA ALA B 74 -0.46 21.70 -3.37
C ALA B 74 -0.46 22.60 -4.62
N ARG B 75 -1.37 23.57 -4.67
CA ARG B 75 -1.43 24.52 -5.78
C ARG B 75 -0.21 25.44 -5.81
N ALA B 76 0.28 25.77 -4.62
CA ALA B 76 1.48 26.59 -4.46
C ALA B 76 2.71 25.86 -4.94
N SER B 77 2.73 24.54 -4.78
CA SER B 77 3.90 23.73 -5.13
C SER B 77 4.09 23.54 -6.63
N GLU B 78 3.00 23.61 -7.37
CA GLU B 78 2.98 23.19 -8.76
C GLU B 78 3.03 24.35 -9.77
N SER B 79 3.14 25.58 -9.26
CA SER B 79 3.22 26.78 -10.11
C SER B 79 4.65 27.31 -10.20
N GLU B 80 4.92 28.12 -11.23
CA GLU B 80 6.23 28.73 -11.40
C GLU B 80 6.48 29.93 -10.47
N ASP B 81 5.45 30.76 -10.26
CA ASP B 81 5.55 31.95 -9.40
C ASP B 81 6.26 31.68 -8.07
N GLU B 82 5.90 30.58 -7.40
CA GLU B 82 6.38 30.28 -6.06
C GLU B 82 7.91 30.23 -5.93
N VAL B 83 8.43 30.91 -4.89
CA VAL B 83 9.86 30.92 -4.57
C VAL B 83 10.38 29.54 -4.08
N ASP B 84 9.58 28.84 -3.28
CA ASP B 84 10.05 27.71 -2.47
C ASP B 84 9.26 26.39 -2.74
N PRO B 85 9.36 25.85 -3.97
CA PRO B 85 8.54 24.69 -4.35
C PRO B 85 8.74 23.44 -3.47
N LEU B 86 9.99 23.09 -3.20
CA LEU B 86 10.35 21.96 -2.36
C LEU B 86 9.88 22.17 -0.93
N GLY B 87 9.97 23.40 -0.44
CA GLY B 87 9.52 23.75 0.90
C GLY B 87 8.00 23.72 1.00
N CYS B 88 7.34 23.82 -0.15
CA CYS B 88 5.89 23.64 -0.19
C CYS B 88 5.49 22.17 -0.24
N MET B 89 6.33 21.31 -0.80
CA MET B 89 6.08 19.86 -0.80
C MET B 89 6.33 19.29 0.59
N ARG B 90 7.41 19.75 1.20
CA ARG B 90 7.72 19.39 2.57
C ARG B 90 6.65 19.85 3.57
N LYS B 91 6.05 21.03 3.34
CA LYS B 91 4.98 21.53 4.20
C LYS B 91 3.68 20.74 3.99
N LEU B 92 3.36 20.49 2.72
CA LEU B 92 2.19 19.70 2.35
C LEU B 92 2.22 18.32 2.99
N LEU B 93 3.35 17.64 2.80
CA LEU B 93 3.56 16.31 3.33
C LEU B 93 3.55 16.31 4.85
N LEU B 94 4.04 17.38 5.46
CA LEU B 94 3.94 17.59 6.91
C LEU B 94 2.48 17.71 7.37
N GLN B 95 1.68 18.43 6.59
CA GLN B 95 0.25 18.56 6.84
C GLN B 95 -0.51 17.25 6.58
N VAL B 96 -0.07 16.50 5.57
CA VAL B 96 -0.66 15.19 5.29
C VAL B 96 -0.44 14.26 6.47
N PHE B 97 0.79 14.16 6.96
CA PHE B 97 1.05 13.28 8.07
C PHE B 97 0.43 13.78 9.40
N ASN B 98 0.27 15.10 9.53
CA ASN B 98 -0.34 15.71 10.72
C ASN B 98 -1.85 15.44 10.76
N GLU B 99 -2.54 15.75 9.66
CA GLU B 99 -3.99 15.56 9.55
C GLU B 99 -4.34 14.10 9.85
N LEU B 100 -3.49 13.18 9.37
CA LEU B 100 -3.70 11.73 9.46
C LEU B 100 -3.67 11.24 10.88
N VAL B 101 -2.63 11.63 11.61
CA VAL B 101 -2.46 11.24 13.01
C VAL B 101 -3.41 11.99 13.96
N LEU B 102 -3.77 13.23 13.62
CA LEU B 102 -4.57 14.08 14.50
C LEU B 102 -6.08 13.99 14.26
N ASP B 103 -6.48 13.82 12.99
CA ASP B 103 -7.89 13.74 12.66
C ASP B 103 -8.31 12.31 12.54
N ALA B 104 -9.37 11.95 13.23
CA ALA B 104 -9.87 10.58 13.19
C ALA B 104 -10.59 10.33 11.86
N ARG B 105 -11.29 11.34 11.38
CA ARG B 105 -12.01 11.27 10.10
C ARG B 105 -11.07 10.99 8.92
N THR B 106 -10.05 11.82 8.73
CA THR B 106 -8.96 11.52 7.78
C THR B 106 -8.36 10.10 7.96
N ARG B 107 -8.08 9.70 9.20
CA ARG B 107 -7.55 8.36 9.47
C ARG B 107 -8.52 7.27 9.06
N ARG B 108 -9.80 7.44 9.37
CA ARG B 108 -10.84 6.50 8.95
C ARG B 108 -11.06 6.46 7.43
N ILE B 109 -11.14 7.61 6.77
CA ILE B 109 -11.22 7.58 5.30
C ILE B 109 -10.04 6.87 4.67
N ASN B 110 -8.82 7.14 5.13
CA ASN B 110 -7.66 6.42 4.62
C ASN B 110 -7.67 4.93 4.96
N GLU B 111 -8.13 4.55 6.14
CA GLU B 111 -8.21 3.12 6.48
C GLU B 111 -9.25 2.37 5.64
N ILE B 112 -10.33 3.07 5.27
CA ILE B 112 -11.31 2.58 4.31
C ILE B 112 -10.72 2.37 2.92
N LEU B 113 -10.15 3.42 2.34
CA LEU B 113 -9.43 3.40 1.08
C LEU B 113 -8.40 2.28 0.98
N HIS B 114 -7.57 2.16 2.00
CA HIS B 114 -6.46 1.22 2.02
C HIS B 114 -6.82 -0.18 2.45
N HIS B 115 -7.71 -0.36 3.40
CA HIS B 115 -7.82 -1.67 4.00
C HIS B 115 -9.22 -2.19 4.05
N LYS B 116 -10.16 -1.55 3.40
CA LYS B 116 -11.57 -1.81 3.65
C LYS B 116 -12.40 -1.62 2.40
N CYS B 117 -11.73 -1.69 1.26
CA CYS B 117 -12.31 -1.43 -0.03
C CYS B 117 -11.60 -2.32 -1.04
N GLU B 118 -12.31 -3.33 -1.51
CA GLU B 118 -11.84 -4.30 -2.53
C GLU B 118 -12.07 -3.80 -3.96
N PHE B 119 -11.20 -4.22 -4.87
CA PHE B 119 -11.39 -3.98 -6.31
C PHE B 119 -11.95 -5.23 -6.96
N THR B 120 -13.23 -5.18 -7.31
CA THR B 120 -13.86 -6.35 -7.93
C THR B 120 -14.64 -5.99 -9.20
N ASP B 121 -14.94 -7.01 -10.01
CA ASP B 121 -15.75 -6.91 -11.25
C ASP B 121 -17.15 -6.34 -11.08
N ASP B 122 -17.76 -6.61 -9.92
CA ASP B 122 -19.07 -6.04 -9.58
C ASP B 122 -19.01 -4.53 -9.63
N MET B 123 -17.87 -3.97 -9.21
CA MET B 123 -17.71 -2.53 -9.11
C MET B 123 -16.34 -2.10 -9.60
N CYS B 124 -16.15 -2.15 -10.91
CA CYS B 124 -14.86 -1.80 -11.50
C CYS B 124 -14.64 -0.28 -11.52
N GLU B 125 -15.66 0.47 -11.16
CA GLU B 125 -15.54 1.91 -11.09
C GLU B 125 -14.68 2.32 -9.91
N ILE B 126 -14.48 1.41 -8.95
CA ILE B 126 -13.66 1.71 -7.78
C ILE B 126 -12.19 1.62 -8.14
N ARG B 127 -11.79 0.58 -8.86
CA ARG B 127 -10.41 0.51 -9.33
C ARG B 127 -10.08 1.66 -10.28
N GLN B 128 -11.01 1.95 -11.21
CA GLN B 128 -10.86 3.05 -12.18
C GLN B 128 -10.69 4.41 -11.54
N GLN B 129 -11.60 4.78 -10.65
CA GLN B 129 -11.51 6.04 -9.85
C GLN B 129 -10.20 6.18 -9.07
N ARG B 130 -9.67 5.05 -8.58
CA ARG B 130 -8.39 5.06 -7.87
C ARG B 130 -7.19 5.23 -8.80
N GLN B 131 -7.28 4.66 -10.01
CA GLN B 131 -6.24 4.85 -11.03
C GLN B 131 -6.11 6.32 -11.42
N SER B 132 -7.24 6.93 -11.78
CA SER B 132 -7.29 8.33 -12.12
C SER B 132 -6.80 9.22 -10.97
N ALA B 133 -7.29 8.99 -9.76
CA ALA B 133 -6.79 9.68 -8.55
C ALA B 133 -5.28 9.66 -8.38
N VAL B 134 -4.67 8.48 -8.55
CA VAL B 134 -3.21 8.32 -8.48
C VAL B 134 -2.49 8.93 -9.69
N LEU B 135 -3.08 8.81 -10.88
CA LEU B 135 -2.52 9.50 -12.04
C LEU B 135 -2.58 11.02 -11.86
N ASP B 136 -3.70 11.53 -11.33
CA ASP B 136 -3.84 12.96 -10.98
C ASP B 136 -2.73 13.43 -10.03
N CYS B 137 -2.51 12.64 -8.99
CA CYS B 137 -1.50 12.92 -7.96
C CYS B 137 -0.10 12.94 -8.57
N HIS B 138 0.14 12.05 -9.53
CA HIS B 138 1.40 11.93 -10.24
C HIS B 138 1.67 13.18 -11.08
N LYS B 139 0.70 13.61 -11.89
CA LYS B 139 0.87 14.83 -12.69
C LYS B 139 1.33 15.96 -11.78
N GLY B 140 0.65 16.10 -10.64
CA GLY B 140 1.05 17.04 -9.60
C GLY B 140 2.47 16.86 -9.10
N ILE B 141 2.81 15.69 -8.56
CA ILE B 141 4.16 15.51 -8.01
C ILE B 141 5.25 15.85 -9.04
N THR B 142 5.01 15.52 -10.30
CA THR B 142 5.99 15.75 -11.36
C THR B 142 6.19 17.25 -11.63
N LEU B 143 5.08 18.00 -11.67
CA LEU B 143 5.10 19.44 -11.84
C LEU B 143 5.85 20.10 -10.68
N ALA B 144 5.61 19.60 -9.47
CA ALA B 144 6.29 20.12 -8.28
C ALA B 144 7.79 19.84 -8.34
N LEU B 145 8.13 18.64 -8.82
CA LEU B 145 9.52 18.21 -9.00
C LEU B 145 10.24 18.90 -10.19
N ALA B 146 9.47 19.30 -11.20
CA ALA B 146 10.03 19.99 -12.37
C ALA B 146 10.57 21.38 -12.03
N ASN B 147 9.78 22.20 -11.34
CA ASN B 147 10.21 23.57 -11.00
C ASN B 147 11.25 23.62 -9.88
N ALA B 148 11.33 22.56 -9.08
CA ALA B 148 12.31 22.47 -8.00
C ALA B 148 13.71 22.26 -8.57
N VAL B 149 13.79 21.47 -9.64
CA VAL B 149 15.03 21.29 -10.40
C VAL B 149 15.34 22.52 -11.26
N ARG B 150 14.29 23.17 -11.78
CA ARG B 150 14.43 24.49 -12.41
C ARG B 150 14.57 25.54 -11.31
N ARG B 151 15.52 25.28 -10.42
CA ARG B 151 15.80 26.08 -9.24
C ARG B 151 17.01 25.43 -8.56
N GLY B 152 17.41 25.95 -7.39
CA GLY B 152 18.56 25.41 -6.68
C GLY B 152 18.24 24.13 -5.92
N GLN B 153 16.96 23.75 -5.92
CA GLN B 153 16.43 22.82 -4.92
C GLN B 153 16.66 21.33 -5.18
N LEU B 154 16.63 20.93 -6.46
CA LEU B 154 16.86 19.54 -6.83
C LEU B 154 17.80 19.38 -8.03
N PRO B 155 18.71 18.37 -8.00
CA PRO B 155 19.70 18.11 -9.04
C PRO B 155 19.20 18.20 -10.49
N GLY B 156 19.97 18.84 -11.33
CA GLY B 156 19.60 19.03 -12.70
C GLY B 156 19.42 17.96 -13.72
N GLU B 157 18.24 17.97 -14.33
CA GLU B 157 17.83 16.95 -15.31
C GLU B 157 17.58 15.55 -14.70
N LEU B 158 17.13 15.52 -13.45
CA LEU B 158 16.64 14.30 -12.82
C LEU B 158 15.32 13.99 -13.45
N ASP B 159 15.12 12.69 -13.72
CA ASP B 159 13.88 12.20 -14.25
C ASP B 159 12.86 12.61 -13.21
N ALA B 160 12.07 13.60 -13.56
CA ALA B 160 11.07 14.12 -12.68
C ALA B 160 10.06 13.02 -12.38
N GLU B 161 9.73 12.22 -13.41
CA GLU B 161 8.63 11.24 -13.34
C GLU B 161 8.92 9.98 -12.51
N ARG B 162 10.13 9.45 -12.60
CA ARG B 162 10.47 8.25 -11.85
C ARG B 162 10.72 8.54 -10.38
N ALA B 163 11.09 9.79 -10.09
CA ALA B 163 11.21 10.29 -8.73
C ALA B 163 9.82 10.60 -8.16
N ALA B 164 8.90 11.00 -9.03
CA ALA B 164 7.50 11.19 -8.65
C ALA B 164 6.89 9.89 -8.15
N VAL B 165 7.10 8.81 -8.92
CA VAL B 165 6.63 7.47 -8.57
C VAL B 165 7.26 6.99 -7.27
N ALA B 166 8.55 7.26 -7.09
CA ALA B 166 9.33 6.70 -5.98
C ALA B 166 8.90 7.35 -4.68
N MET B 167 8.70 8.65 -4.75
CA MET B 167 8.14 9.40 -3.65
C MET B 167 6.70 9.06 -3.31
N PHE B 168 5.79 9.11 -4.30
CA PHE B 168 4.40 8.71 -4.03
C PHE B 168 4.38 7.33 -3.42
N ALA B 169 5.29 6.45 -3.85
CA ALA B 169 5.34 5.06 -3.36
C ALA B 169 5.79 4.98 -1.93
N TYR B 170 6.84 5.71 -1.58
CA TYR B 170 7.36 5.82 -0.22
C TYR B 170 6.31 6.35 0.76
N VAL B 171 5.73 7.49 0.43
CA VAL B 171 4.72 8.05 1.28
C VAL B 171 3.50 7.12 1.42
N ASP B 172 2.92 6.73 0.28
CA ASP B 172 1.80 5.79 0.29
C ASP B 172 2.11 4.53 1.16
N GLY B 173 3.29 3.94 1.02
CA GLY B 173 3.69 2.78 1.82
C GLY B 173 3.89 3.04 3.30
N LEU B 174 4.34 4.25 3.63
CA LEU B 174 4.53 4.68 5.01
C LEU B 174 3.20 4.89 5.70
N ILE B 175 2.25 5.48 4.99
CA ILE B 175 0.92 5.73 5.52
C ILE B 175 0.18 4.44 5.81
N ARG B 176 0.21 3.56 4.83
CA ARG B 176 -0.38 2.25 4.94
C ARG B 176 0.25 1.41 6.08
N ARG B 177 1.56 1.53 6.25
CA ARG B 177 2.31 0.89 7.32
C ARG B 177 1.89 1.44 8.71
N TRP B 178 1.73 2.74 8.83
CA TRP B 178 1.25 3.34 10.06
C TRP B 178 -0.19 2.94 10.42
N LEU B 179 -1.06 2.91 9.43
CA LEU B 179 -2.41 2.38 9.60
C LEU B 179 -2.44 0.92 10.01
N LEU B 180 -1.47 0.14 9.57
CA LEU B 180 -1.41 -1.26 9.95
C LEU B 180 -0.84 -1.43 11.37
N LEU B 181 0.30 -0.80 11.63
CA LEU B 181 0.95 -0.89 12.93
C LEU B 181 1.25 0.53 13.48
N PRO B 182 0.25 1.16 14.12
CA PRO B 182 0.41 2.55 14.54
C PRO B 182 1.59 2.78 15.48
N ASP B 183 1.65 2.07 16.60
CA ASP B 183 2.70 2.23 17.60
C ASP B 183 4.02 1.59 17.19
N SER B 184 4.43 1.82 15.95
CA SER B 184 5.67 1.26 15.39
C SER B 184 6.41 2.33 14.58
N VAL B 185 5.69 3.04 13.72
CA VAL B 185 6.18 4.31 13.25
C VAL B 185 5.81 5.22 14.45
N ASP B 186 6.66 6.18 14.80
CA ASP B 186 6.23 7.30 15.65
C ASP B 186 5.96 8.43 14.67
N LEU B 187 4.89 8.28 13.89
CA LEU B 187 4.63 9.18 12.78
C LEU B 187 4.56 10.66 13.19
N LEU B 188 3.87 10.95 14.29
CA LEU B 188 3.84 12.29 14.89
C LEU B 188 5.07 12.44 15.78
N GLY B 189 5.78 13.57 15.69
CA GLY B 189 6.98 13.77 16.49
C GLY B 189 8.28 13.48 15.75
N ASP B 190 8.35 12.32 15.11
CA ASP B 190 9.45 12.02 14.19
C ASP B 190 9.04 12.39 12.77
N VAL B 191 7.92 13.13 12.64
CA VAL B 191 7.40 13.57 11.34
C VAL B 191 8.44 14.15 10.40
N GLU B 192 9.26 15.05 10.93
CA GLU B 192 10.29 15.74 10.16
C GLU B 192 11.18 14.72 9.47
N LYS B 193 11.59 13.69 10.23
CA LYS B 193 12.53 12.67 9.75
C LYS B 193 11.96 11.80 8.65
N TRP B 194 10.66 11.50 8.76
CA TRP B 194 9.99 10.67 7.76
C TRP B 194 9.84 11.40 6.43
N VAL B 195 9.38 12.64 6.47
CA VAL B 195 9.24 13.48 5.28
C VAL B 195 10.59 13.62 4.58
N ASP B 196 11.63 13.89 5.37
CA ASP B 196 12.98 14.15 4.87
C ASP B 196 13.70 12.93 4.33
N THR B 197 13.47 11.77 4.95
CA THR B 197 14.01 10.53 4.46
C THR B 197 13.60 10.42 3.00
N GLY B 198 12.35 10.73 2.72
CA GLY B 198 11.78 10.66 1.38
C GLY B 198 12.32 11.72 0.45
N LEU B 199 12.38 12.95 0.93
CA LEU B 199 12.93 14.04 0.12
C LEU B 199 14.45 13.93 -0.11
N ASP B 200 15.20 13.40 0.85
CA ASP B 200 16.64 13.10 0.64
C ASP B 200 16.81 12.18 -0.56
N MET B 201 15.95 11.16 -0.65
CA MET B 201 15.87 10.26 -1.82
C MET B 201 15.87 10.94 -3.19
N LEU B 202 15.10 12.02 -3.35
CA LEU B 202 14.97 12.74 -4.64
C LEU B 202 16.18 13.60 -5.05
N ARG B 203 17.05 13.90 -4.10
CA ARG B 203 18.34 14.50 -4.43
C ARG B 203 19.38 13.39 -4.48
N LEU B 204 19.89 13.06 -3.29
CA LEU B 204 21.02 12.16 -3.07
C LEU B 204 21.13 10.89 -3.92
N SER B 205 20.03 10.40 -4.50
CA SER B 205 20.03 9.10 -5.18
C SER B 205 20.41 9.17 -6.66
N PRO B 206 21.55 8.55 -7.05
CA PRO B 206 21.97 8.49 -8.45
C PRO B 206 21.00 7.71 -9.33
N ALA B 207 20.41 6.65 -8.77
CA ALA B 207 19.43 5.83 -9.49
C ALA B 207 18.27 6.66 -10.01
N LEU B 208 17.92 7.72 -9.28
CA LEU B 208 16.89 8.67 -9.72
C LEU B 208 17.36 9.67 -10.78
N ARG B 209 18.62 9.54 -11.19
CA ARG B 209 19.25 10.41 -12.18
C ARG B 209 19.31 9.78 -13.59
N LYS B 210 19.03 10.64 -14.58
CA LYS B 210 19.09 10.43 -16.04
C LYS B 210 17.94 11.16 -16.75
#